data_4UP8
#
_entry.id   4UP8
#
_cell.length_a   156.483
_cell.length_b   156.483
_cell.length_c   93.554
_cell.angle_alpha   90.00
_cell.angle_beta   90.00
_cell.angle_gamma   120.00
#
_symmetry.space_group_name_H-M   'P 62'
#
_entity_poly.entity_id   1
_entity_poly.type   'polypeptide(L)'
_entity_poly.pdbx_seq_one_letter_code
;MHHHHHHMLSKQLFLNRCKDVEEYQKAGHNPWPHKFNVSITVPEFIAKYSGLEKSQVSDDIVSVAGRVLSKRSSSSALMF
IDLHDSQTKLQIMLNKSAYENKEDFVSLTKMIYRGDICGFTGHPTRTKTGELSLIPISGMILSPCLHMLPSMHYGLGDQE
TRFRKRYLDLIVNPESVKNFVLRTKVVKAVRKYLDDKGFLEVETPILNTIPGGATARPFITHHNQLDIQMYMRIAPELYL
KELVVGGINRVYEIGRLFRNEGIDQTHNPEFTTCEFYMAYADYNDIMKMTEELLGNMVKDITGGSTKLEIKDRLMDINNE
EDIKMLEKFFKEPIPRPFNSAECSKVIEKHCTELNYYYDGNNEKAMKKLFADFVTEKKMVLDFTAPFKRISYVHALEEKF
GEKIPRPLDGPEALTFLKKQAIRFNAICAEPQTTARVMDKLFGDLIEVDLVQPTFVCDQPQLMSPLAKYHRSEPELTERF
ELFILKREIANAYTELNNPIVQRSNFEQQAKDKAAGDDEAQLVDEVFLDAIEHAFPPTGGWGLGIDRLAMLLADVDNIKE
VILFPTMRPEDELEKKAREAKEDAMVAQEKAATEEKGGKKVVKPKANKQQPVKEVLDGFQLEIRVGKIVEAGPHPNSEHL
LALKVDVGEEKPRSVVAGLAEHYKPEELLNQKATFVCNLKPSKLRGVASEAMILAATSLDGTKVKFCHPSADAAIGAQVI
PKEGKVTISAKKISIDVVGKMNLALKGGLVRTNDVPLIVKDTELTVTVDEVIDGTVR
;
_entity_poly.pdbx_strand_id   A
#
# COMPACT_ATOMS: atom_id res chain seq x y z
N HIS A 5 -38.71 -7.57 -7.29
CA HIS A 5 -37.64 -8.18 -8.08
C HIS A 5 -36.41 -7.29 -8.11
N HIS A 6 -35.48 -7.54 -7.20
CA HIS A 6 -34.24 -6.78 -7.18
C HIS A 6 -33.41 -7.13 -8.42
N HIS A 7 -32.45 -6.28 -8.70
CA HIS A 7 -31.55 -6.38 -9.86
C HIS A 7 -32.27 -6.42 -11.20
N MET A 8 -33.52 -5.99 -11.24
CA MET A 8 -34.32 -6.03 -12.47
C MET A 8 -33.75 -5.12 -13.57
N LEU A 9 -33.38 -3.90 -13.20
CA LEU A 9 -32.93 -2.91 -14.17
C LEU A 9 -31.53 -3.25 -14.72
N SER A 10 -30.64 -3.71 -13.86
CA SER A 10 -29.31 -4.12 -14.30
C SER A 10 -29.38 -5.31 -15.25
N LYS A 11 -30.25 -6.27 -14.94
CA LYS A 11 -30.45 -7.42 -15.80
C LYS A 11 -30.98 -6.96 -17.15
N GLN A 12 -31.98 -6.09 -17.10
CA GLN A 12 -32.59 -5.52 -18.31
C GLN A 12 -31.53 -4.85 -19.18
N LEU A 13 -30.69 -4.03 -18.56
CA LEU A 13 -29.63 -3.31 -19.25
C LEU A 13 -28.66 -4.28 -19.90
N PHE A 14 -28.22 -5.28 -19.14
CA PHE A 14 -27.25 -6.23 -19.66
C PHE A 14 -27.80 -6.96 -20.89
N LEU A 15 -29.04 -7.43 -20.79
CA LEU A 15 -29.66 -8.14 -21.89
C LEU A 15 -29.84 -7.26 -23.12
N ASN A 16 -30.46 -6.09 -22.93
CA ASN A 16 -30.61 -5.13 -24.04
C ASN A 16 -29.28 -4.78 -24.68
N ARG A 17 -28.24 -4.67 -23.86
CA ARG A 17 -26.91 -4.33 -24.33
C ARG A 17 -26.33 -5.44 -25.20
N CYS A 18 -26.53 -6.68 -24.77
CA CYS A 18 -26.14 -7.83 -25.60
C CYS A 18 -26.88 -7.80 -26.93
N LYS A 19 -28.17 -7.48 -26.88
CA LYS A 19 -28.93 -7.32 -28.11
C LYS A 19 -28.26 -6.27 -29.01
N ASP A 20 -28.00 -5.08 -28.46
CA ASP A 20 -27.29 -4.01 -29.18
C ASP A 20 -26.07 -4.54 -29.91
N VAL A 21 -25.25 -5.30 -29.19
CA VAL A 21 -24.02 -5.82 -29.77
C VAL A 21 -24.29 -6.83 -30.90
N GLU A 22 -25.27 -7.71 -30.74
CA GLU A 22 -25.51 -8.69 -31.79
C GLU A 22 -26.20 -8.07 -33.02
N GLU A 23 -26.94 -6.98 -32.83
CA GLU A 23 -27.52 -6.29 -33.97
C GLU A 23 -26.43 -5.48 -34.69
N TYR A 24 -25.47 -4.99 -33.92
CA TYR A 24 -24.31 -4.31 -34.50
C TYR A 24 -23.50 -5.30 -35.33
N GLN A 25 -23.39 -6.53 -34.85
CA GLN A 25 -22.64 -7.57 -35.55
C GLN A 25 -23.42 -8.04 -36.77
N LYS A 26 -24.74 -8.08 -36.63
CA LYS A 26 -25.62 -8.50 -37.71
C LYS A 26 -25.52 -7.54 -38.90
N ALA A 27 -25.20 -6.28 -38.63
CA ALA A 27 -25.12 -5.25 -39.67
C ALA A 27 -23.73 -5.18 -40.29
N GLY A 28 -22.88 -6.16 -39.98
CA GLY A 28 -21.56 -6.23 -40.57
C GLY A 28 -20.53 -5.39 -39.85
N HIS A 29 -20.58 -5.41 -38.52
CA HIS A 29 -19.56 -4.72 -37.72
C HIS A 29 -19.04 -5.67 -36.63
N ASN A 30 -17.74 -5.92 -36.65
CA ASN A 30 -17.11 -6.75 -35.62
C ASN A 30 -16.90 -5.93 -34.35
N PRO A 31 -17.60 -6.30 -33.27
CA PRO A 31 -17.46 -5.57 -32.01
C PRO A 31 -16.12 -5.83 -31.34
N TRP A 32 -15.47 -6.94 -31.71
CA TRP A 32 -14.16 -7.28 -31.14
C TRP A 32 -13.11 -7.53 -32.22
N PRO A 33 -12.71 -6.48 -32.95
CA PRO A 33 -11.66 -6.66 -33.96
C PRO A 33 -10.36 -7.19 -33.35
N HIS A 34 -9.53 -7.84 -34.16
CA HIS A 34 -8.37 -8.56 -33.66
C HIS A 34 -7.20 -7.64 -33.32
N LYS A 35 -6.86 -6.75 -34.25
CA LYS A 35 -5.74 -5.83 -34.04
C LYS A 35 -6.04 -4.43 -34.53
N PHE A 36 -5.92 -3.46 -33.63
CA PHE A 36 -6.01 -2.05 -33.97
C PHE A 36 -4.65 -1.43 -33.76
N ASN A 37 -4.17 -0.66 -34.74
CA ASN A 37 -2.82 -0.12 -34.69
C ASN A 37 -2.73 1.23 -34.00
N VAL A 38 -2.46 1.20 -32.70
CA VAL A 38 -2.24 2.41 -31.94
C VAL A 38 -0.84 2.97 -32.25
N SER A 39 -0.80 4.16 -32.85
CA SER A 39 0.46 4.75 -33.25
C SER A 39 1.08 5.54 -32.11
N ILE A 40 0.23 5.99 -31.19
CA ILE A 40 0.69 6.87 -30.13
C ILE A 40 -0.22 6.76 -28.90
N THR A 41 0.37 6.83 -27.72
CA THR A 41 -0.40 6.81 -26.48
C THR A 41 -0.86 8.22 -26.15
N VAL A 42 -1.91 8.33 -25.34
CA VAL A 42 -2.48 9.64 -24.99
C VAL A 42 -1.47 10.55 -24.26
N PRO A 43 -0.68 10.01 -23.31
CA PRO A 43 0.36 10.89 -22.76
C PRO A 43 1.37 11.35 -23.82
N GLU A 44 1.81 10.43 -24.68
CA GLU A 44 2.70 10.79 -25.78
C GLU A 44 2.06 11.81 -26.70
N PHE A 45 0.75 11.65 -26.91
CA PHE A 45 -0.04 12.56 -27.73
C PHE A 45 0.03 13.97 -27.17
N ILE A 46 -0.22 14.08 -25.86
CA ILE A 46 -0.22 15.37 -25.20
C ILE A 46 1.17 15.97 -25.20
N ALA A 47 2.18 15.15 -24.97
CA ALA A 47 3.57 15.61 -24.94
C ALA A 47 3.98 16.18 -26.30
N LYS A 48 3.50 15.56 -27.37
CA LYS A 48 3.90 15.92 -28.72
C LYS A 48 3.11 17.10 -29.27
N TYR A 49 1.81 17.14 -28.99
CA TYR A 49 0.92 18.09 -29.66
C TYR A 49 0.33 19.19 -28.77
N SER A 50 0.87 19.37 -27.57
CA SER A 50 0.35 20.41 -26.69
C SER A 50 0.73 21.80 -27.18
N GLY A 51 1.71 21.84 -28.08
CA GLY A 51 2.18 23.10 -28.63
C GLY A 51 1.20 23.72 -29.61
N LEU A 52 0.22 22.92 -30.03
CA LEU A 52 -0.82 23.39 -30.93
C LEU A 52 -1.66 24.49 -30.31
N GLU A 53 -1.84 25.58 -31.04
CA GLU A 53 -2.65 26.70 -30.58
C GLU A 53 -4.13 26.45 -30.87
N LYS A 54 -4.99 27.34 -30.40
CA LYS A 54 -6.42 27.18 -30.57
C LYS A 54 -6.82 27.22 -32.04
N SER A 55 -7.80 26.40 -32.40
CA SER A 55 -8.35 26.27 -33.76
C SER A 55 -7.33 25.71 -34.76
N GLN A 56 -6.14 25.36 -34.28
CA GLN A 56 -5.08 24.84 -35.12
C GLN A 56 -5.17 23.32 -35.29
N VAL A 57 -4.94 22.83 -36.50
CA VAL A 57 -5.01 21.39 -36.79
C VAL A 57 -3.76 20.86 -37.47
N SER A 58 -3.15 19.84 -36.87
CA SER A 58 -1.92 19.25 -37.42
C SER A 58 -2.18 18.41 -38.68
N ASP A 59 -1.18 18.34 -39.54
CA ASP A 59 -1.27 17.52 -40.74
C ASP A 59 -1.06 16.05 -40.42
N ASP A 60 -0.43 15.80 -39.28
CA ASP A 60 -0.16 14.44 -38.84
C ASP A 60 -1.43 13.60 -38.73
N ILE A 61 -1.36 12.36 -39.21
CA ILE A 61 -2.43 11.40 -38.94
C ILE A 61 -1.92 10.39 -37.94
N VAL A 62 -2.57 10.34 -36.78
CA VAL A 62 -2.20 9.39 -35.74
C VAL A 62 -3.42 8.58 -35.33
N SER A 63 -3.18 7.47 -34.64
CA SER A 63 -4.28 6.64 -34.18
C SER A 63 -4.10 6.29 -32.70
N VAL A 64 -5.18 6.47 -31.93
CA VAL A 64 -5.16 6.23 -30.49
C VAL A 64 -6.30 5.33 -30.07
N ALA A 65 -6.24 4.83 -28.85
CA ALA A 65 -7.29 3.94 -28.35
C ALA A 65 -7.39 3.95 -26.84
N GLY A 66 -8.61 3.87 -26.33
CA GLY A 66 -8.83 3.87 -24.90
C GLY A 66 -10.30 3.69 -24.56
N ARG A 67 -10.67 4.02 -23.32
CA ARG A 67 -12.03 3.80 -22.85
C ARG A 67 -12.84 5.08 -22.86
N VAL A 68 -14.02 5.01 -23.46
CA VAL A 68 -14.93 6.16 -23.49
C VAL A 68 -15.60 6.38 -22.14
N LEU A 69 -15.36 7.54 -21.54
CA LEU A 69 -15.97 7.84 -20.23
C LEU A 69 -17.01 8.95 -20.32
N SER A 70 -17.09 9.59 -21.47
CA SER A 70 -18.07 10.64 -21.69
C SER A 70 -18.49 10.67 -23.16
N LYS A 71 -19.79 10.85 -23.39
CA LYS A 71 -20.32 10.92 -24.74
C LYS A 71 -21.39 12.00 -24.87
N ARG A 72 -20.98 13.18 -25.30
CA ARG A 72 -21.89 14.31 -25.43
C ARG A 72 -21.95 14.79 -26.88
N SER A 73 -23.14 15.17 -27.33
CA SER A 73 -23.32 15.68 -28.69
C SER A 73 -24.03 17.01 -28.67
N SER A 74 -23.46 17.99 -29.37
CA SER A 74 -24.10 19.29 -29.52
C SER A 74 -24.91 19.30 -30.81
N SER A 75 -24.73 18.26 -31.61
CA SER A 75 -25.42 18.12 -32.90
C SER A 75 -25.37 16.68 -33.37
N SER A 76 -26.04 16.40 -34.48
CA SER A 76 -26.06 15.05 -35.05
C SER A 76 -24.83 14.82 -35.93
N ALA A 77 -24.06 15.88 -36.16
CA ALA A 77 -22.84 15.78 -36.96
C ALA A 77 -21.63 16.26 -36.17
N LEU A 78 -21.82 16.48 -34.87
CA LEU A 78 -20.74 16.96 -34.01
C LEU A 78 -20.84 16.32 -32.63
N MET A 79 -19.93 15.40 -32.33
CA MET A 79 -19.97 14.67 -31.07
C MET A 79 -18.66 14.80 -30.30
N PHE A 80 -18.74 14.81 -28.97
CA PHE A 80 -17.55 14.95 -28.14
C PHE A 80 -17.38 13.78 -27.17
N ILE A 81 -16.27 13.08 -27.30
CA ILE A 81 -15.99 11.89 -26.49
C ILE A 81 -14.78 12.08 -25.60
N ASP A 82 -14.87 11.72 -24.33
CA ASP A 82 -13.67 11.71 -23.50
C ASP A 82 -13.04 10.32 -23.52
N LEU A 83 -11.95 10.18 -24.26
CA LEU A 83 -11.23 8.92 -24.32
C LEU A 83 -10.16 8.89 -23.24
N HIS A 84 -10.05 7.77 -22.55
CA HIS A 84 -9.10 7.67 -21.45
C HIS A 84 -8.10 6.54 -21.66
N ASP A 85 -6.84 6.87 -21.42
CA ASP A 85 -5.74 5.94 -21.65
C ASP A 85 -4.61 6.27 -20.70
N SER A 86 -4.10 5.26 -20.00
CA SER A 86 -3.07 5.44 -18.99
C SER A 86 -3.48 6.52 -18.00
N GLN A 87 -4.74 6.47 -17.57
CA GLN A 87 -5.30 7.40 -16.60
C GLN A 87 -5.16 8.85 -17.07
N THR A 88 -5.25 9.04 -18.38
CA THR A 88 -5.10 10.37 -18.97
C THR A 88 -6.20 10.59 -20.01
N LYS A 89 -6.76 11.79 -20.02
CA LYS A 89 -7.91 12.12 -20.85
C LYS A 89 -7.48 12.78 -22.15
N LEU A 90 -8.20 12.47 -23.23
CA LEU A 90 -8.06 13.14 -24.51
C LEU A 90 -9.43 13.19 -25.20
N GLN A 91 -9.84 14.39 -25.59
CA GLN A 91 -11.11 14.56 -26.26
C GLN A 91 -11.02 14.13 -27.71
N ILE A 92 -12.07 13.44 -28.14
CA ILE A 92 -12.26 13.06 -29.53
C ILE A 92 -13.42 13.87 -30.07
N MET A 93 -13.13 14.72 -31.04
CA MET A 93 -14.17 15.54 -31.64
C MET A 93 -14.59 14.94 -32.97
N LEU A 94 -15.68 14.18 -32.94
CA LEU A 94 -16.21 13.56 -34.13
C LEU A 94 -17.01 14.57 -34.96
N ASN A 95 -16.41 14.96 -36.08
CA ASN A 95 -17.04 15.85 -37.03
C ASN A 95 -17.33 15.10 -38.32
N LYS A 96 -18.59 15.11 -38.73
CA LYS A 96 -19.03 14.26 -39.84
C LYS A 96 -18.34 14.65 -41.15
N SER A 97 -18.11 15.95 -41.33
CA SER A 97 -17.48 16.45 -42.55
C SER A 97 -16.04 15.95 -42.70
N ALA A 98 -15.38 15.73 -41.56
CA ALA A 98 -13.97 15.31 -41.58
C ALA A 98 -13.84 13.80 -41.47
N TYR A 99 -14.97 13.11 -41.54
CA TYR A 99 -15.00 11.64 -41.45
C TYR A 99 -15.25 11.10 -42.87
N GLU A 100 -14.52 10.07 -43.27
CA GLU A 100 -14.66 9.55 -44.63
C GLU A 100 -15.97 8.80 -44.81
N ASN A 101 -16.06 7.60 -44.25
CA ASN A 101 -17.29 6.80 -44.38
C ASN A 101 -18.43 7.37 -43.53
N LYS A 102 -19.32 8.12 -44.17
CA LYS A 102 -20.46 8.75 -43.50
C LYS A 102 -21.43 7.74 -42.88
N GLU A 103 -21.66 6.64 -43.62
CA GLU A 103 -22.50 5.54 -43.16
C GLU A 103 -21.98 5.02 -41.83
N ASP A 104 -20.68 4.71 -41.82
CA ASP A 104 -20.01 4.25 -40.61
C ASP A 104 -20.03 5.33 -39.54
N PHE A 105 -20.01 6.59 -39.95
CA PHE A 105 -20.07 7.67 -38.97
C PHE A 105 -21.38 7.61 -38.19
N VAL A 106 -22.49 7.42 -38.89
CA VAL A 106 -23.77 7.35 -38.21
C VAL A 106 -23.87 6.09 -37.34
N SER A 107 -23.55 4.94 -37.94
CA SER A 107 -23.64 3.67 -37.21
C SER A 107 -22.80 3.71 -35.94
N LEU A 108 -21.58 4.21 -36.07
CA LEU A 108 -20.62 4.27 -34.96
C LEU A 108 -21.04 5.28 -33.90
N THR A 109 -21.42 6.48 -34.33
CA THR A 109 -21.83 7.52 -33.39
C THR A 109 -23.05 7.09 -32.59
N LYS A 110 -23.90 6.25 -33.18
CA LYS A 110 -25.03 5.74 -32.40
C LYS A 110 -24.60 4.59 -31.48
N MET A 111 -23.78 3.68 -32.00
CA MET A 111 -23.43 2.46 -31.27
C MET A 111 -22.65 2.70 -29.96
N ILE A 112 -21.85 3.77 -29.95
CA ILE A 112 -20.95 4.01 -28.83
C ILE A 112 -21.68 4.20 -27.50
N TYR A 113 -21.37 3.32 -26.56
CA TYR A 113 -21.91 3.38 -25.21
C TYR A 113 -20.80 3.77 -24.25
N ARG A 114 -21.15 4.46 -23.16
CA ARG A 114 -20.13 4.83 -22.17
C ARG A 114 -19.50 3.58 -21.57
N GLY A 115 -18.18 3.50 -21.64
CA GLY A 115 -17.46 2.36 -21.13
C GLY A 115 -16.76 1.58 -22.23
N ASP A 116 -17.17 1.83 -23.47
CA ASP A 116 -16.59 1.13 -24.61
C ASP A 116 -15.11 1.40 -24.75
N ILE A 117 -14.39 0.42 -25.29
CA ILE A 117 -13.02 0.61 -25.71
C ILE A 117 -13.02 0.89 -27.21
N CYS A 118 -12.60 2.10 -27.57
CA CYS A 118 -12.60 2.55 -28.96
C CYS A 118 -11.23 2.99 -29.44
N GLY A 119 -11.05 2.92 -30.75
CA GLY A 119 -9.87 3.42 -31.41
C GLY A 119 -10.26 4.42 -32.47
N PHE A 120 -9.47 5.48 -32.61
CA PHE A 120 -9.73 6.50 -33.62
C PHE A 120 -8.47 6.87 -34.38
N THR A 121 -8.63 7.17 -35.67
CA THR A 121 -7.51 7.61 -36.48
C THR A 121 -7.82 8.95 -37.13
N GLY A 122 -6.97 9.93 -36.89
CA GLY A 122 -7.20 11.26 -37.42
C GLY A 122 -6.14 12.29 -37.09
N HIS A 123 -6.54 13.56 -37.15
CA HIS A 123 -5.62 14.68 -36.98
C HIS A 123 -5.66 15.29 -35.58
N PRO A 124 -4.48 15.48 -34.97
CA PRO A 124 -4.40 16.25 -33.72
C PRO A 124 -4.86 17.69 -33.90
N THR A 125 -5.34 18.31 -32.83
CA THR A 125 -5.79 19.69 -32.89
C THR A 125 -5.93 20.29 -31.50
N ARG A 126 -6.07 21.61 -31.44
CA ARG A 126 -6.56 22.25 -30.22
C ARG A 126 -7.71 23.17 -30.61
N THR A 127 -8.87 22.96 -30.00
CA THR A 127 -10.09 23.66 -30.38
C THR A 127 -10.10 25.13 -29.96
N LYS A 128 -11.14 25.85 -30.38
CA LYS A 128 -11.33 27.24 -29.98
C LYS A 128 -11.51 27.35 -28.48
N THR A 129 -12.05 26.29 -27.87
CA THR A 129 -12.27 26.26 -26.43
C THR A 129 -11.00 25.92 -25.66
N GLY A 130 -9.95 25.58 -26.40
CA GLY A 130 -8.65 25.31 -25.80
C GLY A 130 -8.37 23.84 -25.55
N GLU A 131 -9.36 22.99 -25.81
CA GLU A 131 -9.24 21.57 -25.50
C GLU A 131 -8.47 20.83 -26.59
N LEU A 132 -7.37 20.20 -26.19
CA LEU A 132 -6.58 19.37 -27.10
C LEU A 132 -7.41 18.15 -27.51
N SER A 133 -7.55 17.95 -28.81
CA SER A 133 -8.41 16.89 -29.31
C SER A 133 -7.85 16.18 -30.53
N LEU A 134 -8.58 15.18 -31.01
CA LEU A 134 -8.30 14.53 -32.27
C LEU A 134 -9.57 14.51 -33.13
N ILE A 135 -9.44 14.94 -34.38
CA ILE A 135 -10.52 14.85 -35.35
C ILE A 135 -10.36 13.57 -36.17
N PRO A 136 -11.26 12.60 -35.95
CA PRO A 136 -11.13 11.29 -36.59
C PRO A 136 -11.55 11.26 -38.05
N ILE A 137 -10.74 10.59 -38.85
CA ILE A 137 -11.10 10.27 -40.23
C ILE A 137 -11.89 8.98 -40.20
N SER A 138 -11.44 8.06 -39.35
CA SER A 138 -12.10 6.78 -39.14
C SER A 138 -12.08 6.42 -37.66
N GLY A 139 -12.74 5.32 -37.32
CA GLY A 139 -12.81 4.88 -35.93
C GLY A 139 -13.69 3.67 -35.79
N MET A 140 -13.53 2.94 -34.69
CA MET A 140 -14.28 1.71 -34.49
C MET A 140 -14.38 1.29 -33.03
N ILE A 141 -15.35 0.43 -32.74
CA ILE A 141 -15.47 -0.17 -31.43
C ILE A 141 -14.47 -1.31 -31.32
N LEU A 142 -13.60 -1.24 -30.32
CA LEU A 142 -12.62 -2.30 -30.09
C LEU A 142 -13.15 -3.34 -29.11
N SER A 143 -13.95 -2.89 -28.15
CA SER A 143 -14.63 -3.80 -27.24
C SER A 143 -15.79 -3.09 -26.54
N PRO A 144 -17.01 -3.60 -26.72
CA PRO A 144 -18.20 -2.97 -26.13
C PRO A 144 -18.37 -3.28 -24.65
N CYS A 145 -18.88 -2.30 -23.90
CA CYS A 145 -19.17 -2.45 -22.47
C CYS A 145 -20.62 -2.85 -22.24
N LEU A 146 -20.84 -3.90 -21.45
CA LEU A 146 -22.18 -4.49 -21.33
C LEU A 146 -22.91 -4.14 -20.05
N HIS A 147 -22.27 -3.35 -19.18
CA HIS A 147 -22.92 -2.87 -17.97
C HIS A 147 -22.75 -1.36 -17.84
N MET A 148 -23.54 -0.75 -16.95
CA MET A 148 -23.40 0.66 -16.67
C MET A 148 -22.24 0.90 -15.69
N LEU A 149 -21.19 1.55 -16.16
CA LEU A 149 -20.10 1.95 -15.28
C LEU A 149 -20.59 2.95 -14.23
N PRO A 150 -20.13 2.78 -12.99
CA PRO A 150 -20.47 3.76 -11.96
C PRO A 150 -19.90 5.13 -12.30
N SER A 151 -20.57 6.20 -11.88
CA SER A 151 -20.08 7.54 -12.15
C SER A 151 -18.77 7.76 -11.41
N MET A 152 -17.98 8.71 -11.91
CA MET A 152 -16.68 9.04 -11.32
C MET A 152 -16.79 10.28 -10.46
N HIS A 153 -16.38 10.20 -9.20
CA HIS A 153 -15.84 8.99 -8.60
C HIS A 153 -16.95 8.16 -7.96
N TYR A 154 -16.58 7.06 -7.31
CA TYR A 154 -17.57 6.18 -6.69
C TYR A 154 -16.94 5.26 -5.66
N GLY A 155 -17.58 5.17 -4.50
CA GLY A 155 -17.07 4.38 -3.40
C GLY A 155 -15.91 5.06 -2.72
N LEU A 156 -16.21 6.09 -1.92
CA LEU A 156 -15.19 6.80 -1.15
C LEU A 156 -15.78 7.29 0.16
N GLY A 157 -15.51 6.59 1.27
CA GLY A 157 -14.64 5.43 1.29
C GLY A 157 -15.29 4.15 0.86
N ASP A 158 -16.06 3.53 1.74
CA ASP A 158 -16.75 2.27 1.45
C ASP A 158 -15.80 1.27 0.78
N GLN A 159 -14.80 0.83 1.53
CA GLN A 159 -13.72 0.03 0.98
C GLN A 159 -14.19 -1.30 0.40
N GLU A 160 -15.34 -1.78 0.86
CA GLU A 160 -15.86 -3.07 0.43
C GLU A 160 -16.16 -3.06 -1.06
N THR A 161 -17.03 -2.16 -1.49
CA THR A 161 -17.37 -2.03 -2.91
C THR A 161 -16.14 -1.78 -3.78
N ARG A 162 -15.21 -0.98 -3.27
CA ARG A 162 -13.97 -0.68 -3.98
C ARG A 162 -13.14 -1.91 -4.26
N PHE A 163 -12.77 -2.61 -3.20
CA PHE A 163 -11.77 -3.66 -3.28
C PHE A 163 -12.37 -5.03 -3.58
N ARG A 164 -13.70 -5.08 -3.69
CA ARG A 164 -14.36 -6.28 -4.22
C ARG A 164 -14.05 -6.38 -5.70
N LYS A 165 -14.21 -5.27 -6.41
CA LYS A 165 -13.96 -5.22 -7.84
C LYS A 165 -12.89 -4.19 -8.17
N ARG A 166 -11.63 -4.60 -8.10
CA ARG A 166 -10.50 -3.73 -8.39
C ARG A 166 -10.53 -3.18 -9.82
N TYR A 167 -11.03 -3.99 -10.75
CA TYR A 167 -11.06 -3.61 -12.16
C TYR A 167 -11.98 -2.41 -12.42
N LEU A 168 -13.02 -2.25 -11.59
CA LEU A 168 -13.87 -1.07 -11.70
C LEU A 168 -13.23 0.11 -10.97
N ASP A 169 -12.71 -0.18 -9.78
CA ASP A 169 -12.13 0.85 -8.94
C ASP A 169 -11.00 1.59 -9.64
N LEU A 170 -10.17 0.84 -10.35
CA LEU A 170 -9.06 1.42 -11.11
C LEU A 170 -9.57 2.43 -12.13
N ILE A 171 -10.69 2.11 -12.76
CA ILE A 171 -11.29 2.98 -13.76
C ILE A 171 -11.91 4.23 -13.13
N VAL A 172 -12.78 4.05 -12.14
CA VAL A 172 -13.50 5.18 -11.55
C VAL A 172 -12.69 5.94 -10.49
N ASN A 173 -11.58 5.34 -10.05
CA ASN A 173 -10.67 6.02 -9.14
C ASN A 173 -9.22 5.91 -9.60
N PRO A 174 -8.91 6.49 -10.77
CA PRO A 174 -7.62 6.27 -11.44
C PRO A 174 -6.42 6.72 -10.61
N GLU A 175 -6.66 7.66 -9.68
CA GLU A 175 -5.61 8.13 -8.77
C GLU A 175 -4.94 6.96 -8.06
N SER A 176 -5.74 5.94 -7.75
CA SER A 176 -5.27 4.77 -7.04
C SER A 176 -4.10 4.09 -7.76
N VAL A 177 -4.11 4.16 -9.09
CA VAL A 177 -3.05 3.55 -9.89
C VAL A 177 -1.68 4.07 -9.44
N LYS A 178 -1.62 5.36 -9.11
CA LYS A 178 -0.38 5.98 -8.66
C LYS A 178 0.27 5.13 -7.59
N ASN A 179 -0.53 4.72 -6.61
CA ASN A 179 -0.05 3.90 -5.50
C ASN A 179 0.78 2.74 -6.00
N PHE A 180 0.20 1.96 -6.90
CA PHE A 180 0.85 0.74 -7.33
C PHE A 180 2.11 1.07 -8.11
N VAL A 181 2.07 2.15 -8.90
CA VAL A 181 3.26 2.61 -9.60
C VAL A 181 4.35 2.84 -8.56
N LEU A 182 3.99 3.60 -7.52
CA LEU A 182 4.91 3.89 -6.43
C LEU A 182 5.47 2.60 -5.88
N ARG A 183 4.58 1.62 -5.68
CA ARG A 183 4.99 0.38 -5.07
C ARG A 183 6.12 -0.26 -5.89
N THR A 184 5.97 -0.28 -7.20
CA THR A 184 6.99 -0.92 -8.01
C THR A 184 8.25 -0.06 -8.02
N LYS A 185 8.06 1.25 -7.96
CA LYS A 185 9.18 2.17 -7.87
C LYS A 185 10.03 1.79 -6.67
N VAL A 186 9.38 1.29 -5.63
CA VAL A 186 10.09 0.82 -4.45
C VAL A 186 10.96 -0.37 -4.81
N VAL A 187 10.36 -1.41 -5.36
CA VAL A 187 11.10 -2.66 -5.53
C VAL A 187 12.23 -2.48 -6.54
N LYS A 188 11.98 -1.74 -7.62
CA LYS A 188 13.03 -1.41 -8.58
C LYS A 188 14.19 -0.79 -7.85
N ALA A 189 13.86 0.19 -7.01
CA ALA A 189 14.87 0.92 -6.25
C ALA A 189 15.71 -0.05 -5.44
N VAL A 190 15.05 -1.04 -4.86
CA VAL A 190 15.76 -2.04 -4.08
C VAL A 190 16.67 -2.82 -5.00
N ARG A 191 16.11 -3.37 -6.08
CA ARG A 191 16.86 -4.22 -6.98
C ARG A 191 18.09 -3.49 -7.50
N LYS A 192 17.85 -2.31 -8.10
CA LYS A 192 18.94 -1.47 -8.59
C LYS A 192 20.02 -1.27 -7.53
N TYR A 193 19.61 -1.00 -6.29
CA TYR A 193 20.59 -0.73 -5.25
C TYR A 193 21.40 -1.97 -4.92
N LEU A 194 20.75 -3.12 -4.92
CA LEU A 194 21.42 -4.33 -4.45
C LEU A 194 22.18 -5.00 -5.59
N ASP A 195 21.57 -5.05 -6.77
CA ASP A 195 22.18 -5.68 -7.92
C ASP A 195 23.49 -4.98 -8.29
N ASP A 196 23.50 -3.66 -8.16
CA ASP A 196 24.68 -2.87 -8.46
C ASP A 196 25.81 -3.12 -7.46
N LYS A 197 25.50 -3.72 -6.32
CA LYS A 197 26.51 -4.05 -5.33
C LYS A 197 26.86 -5.53 -5.37
N GLY A 198 26.53 -6.18 -6.49
CA GLY A 198 26.89 -7.57 -6.69
C GLY A 198 26.03 -8.58 -5.97
N PHE A 199 24.82 -8.17 -5.58
CA PHE A 199 23.90 -9.09 -4.93
C PHE A 199 23.24 -10.00 -5.95
N LEU A 200 23.07 -11.26 -5.57
CA LEU A 200 22.35 -12.20 -6.41
C LEU A 200 20.92 -12.37 -5.88
N GLU A 201 19.94 -11.90 -6.66
CA GLU A 201 18.55 -12.15 -6.35
C GLU A 201 18.25 -13.63 -6.51
N VAL A 202 17.59 -14.24 -5.55
CA VAL A 202 17.31 -15.67 -5.60
C VAL A 202 15.87 -15.99 -5.19
N GLU A 203 15.48 -17.25 -5.40
CA GLU A 203 14.15 -17.70 -4.96
C GLU A 203 14.28 -18.93 -4.07
N THR A 204 13.65 -18.85 -2.90
CA THR A 204 13.69 -19.93 -1.92
C THR A 204 12.29 -20.53 -1.79
N PRO A 205 12.18 -21.75 -1.22
CA PRO A 205 10.88 -22.43 -1.16
C PRO A 205 9.82 -21.68 -0.37
N ILE A 206 8.62 -21.62 -0.93
CA ILE A 206 7.45 -21.13 -0.21
C ILE A 206 6.82 -22.29 0.56
N LEU A 207 6.87 -23.48 -0.04
CA LEU A 207 6.42 -24.70 0.63
C LEU A 207 7.56 -25.38 1.37
N ASN A 208 7.38 -25.55 2.67
CA ASN A 208 8.38 -26.22 3.50
C ASN A 208 7.82 -27.47 4.18
N THR A 209 8.68 -28.45 4.39
CA THR A 209 8.26 -29.70 5.03
C THR A 209 8.32 -29.58 6.55
N ILE A 210 8.97 -28.53 7.02
CA ILE A 210 9.12 -28.23 8.45
C ILE A 210 8.30 -26.99 8.82
N PRO A 211 7.56 -27.04 9.93
CA PRO A 211 6.81 -25.87 10.40
C PRO A 211 7.72 -24.75 10.90
N GLY A 212 8.78 -25.11 11.63
CA GLY A 212 9.71 -24.11 12.14
C GLY A 212 9.49 -23.75 13.59
N GLY A 213 10.38 -22.93 14.14
CA GLY A 213 10.31 -22.53 15.53
C GLY A 213 9.69 -21.17 15.76
N ALA A 214 9.10 -20.60 14.70
CA ALA A 214 8.44 -19.31 14.81
C ALA A 214 7.07 -19.46 15.44
N THR A 215 6.63 -18.43 16.16
CA THR A 215 5.34 -18.49 16.86
C THR A 215 4.16 -18.37 15.89
N ALA A 216 4.30 -17.51 14.89
CA ALA A 216 3.22 -17.19 13.96
C ALA A 216 2.59 -18.43 13.34
N ARG A 217 1.26 -18.46 13.31
CA ARG A 217 0.53 -19.60 12.76
C ARG A 217 0.63 -19.62 11.24
N PRO A 218 1.17 -20.72 10.67
CA PRO A 218 1.32 -20.87 9.23
C PRO A 218 0.10 -21.46 8.53
N PHE A 219 0.00 -21.24 7.22
CA PHE A 219 -0.96 -21.97 6.41
C PHE A 219 -0.48 -23.40 6.26
N ILE A 220 -1.38 -24.37 6.42
CA ILE A 220 -1.00 -25.76 6.28
C ILE A 220 -1.62 -26.37 5.03
N THR A 221 -0.79 -27.04 4.24
CA THR A 221 -1.25 -27.70 3.03
C THR A 221 -0.70 -29.11 2.98
N HIS A 222 -0.96 -29.81 1.88
CA HIS A 222 -0.59 -31.21 1.79
C HIS A 222 -0.24 -31.60 0.36
N HIS A 223 0.93 -32.24 0.19
CA HIS A 223 1.33 -32.77 -1.10
C HIS A 223 0.98 -34.25 -1.18
N ASN A 224 0.35 -34.65 -2.29
CA ASN A 224 -0.28 -35.96 -2.39
C ASN A 224 0.65 -37.12 -2.77
N GLN A 225 1.44 -36.96 -3.83
CA GLN A 225 2.34 -38.02 -4.26
C GLN A 225 3.31 -38.41 -3.16
N LEU A 226 3.92 -37.40 -2.52
CA LEU A 226 4.79 -37.65 -1.38
C LEU A 226 3.98 -38.04 -0.14
N ASP A 227 2.70 -37.68 -0.17
CA ASP A 227 1.79 -37.84 0.98
C ASP A 227 2.41 -37.21 2.22
N ILE A 228 2.79 -35.95 2.13
CA ILE A 228 3.35 -35.26 3.29
C ILE A 228 2.68 -33.91 3.52
N GLN A 229 2.67 -33.48 4.77
CA GLN A 229 2.08 -32.22 5.15
C GLN A 229 3.11 -31.10 5.04
N MET A 230 2.76 -30.05 4.32
CA MET A 230 3.69 -28.94 4.09
C MET A 230 3.18 -27.63 4.67
N TYR A 231 4.10 -26.70 4.89
CA TYR A 231 3.78 -25.43 5.53
C TYR A 231 4.29 -24.25 4.70
N MET A 232 3.45 -23.23 4.55
CA MET A 232 3.85 -22.02 3.83
C MET A 232 4.81 -21.19 4.66
N ARG A 233 5.79 -20.59 4.00
CA ARG A 233 6.91 -19.95 4.72
C ARG A 233 6.50 -18.71 5.49
N ILE A 234 7.12 -18.55 6.66
CA ILE A 234 6.97 -17.35 7.47
C ILE A 234 8.03 -16.33 7.05
N ALA A 235 9.22 -16.84 6.74
CA ALA A 235 10.36 -16.01 6.33
C ALA A 235 11.42 -16.86 5.61
N PRO A 236 12.13 -16.27 4.64
CA PRO A 236 13.16 -17.00 3.89
C PRO A 236 14.53 -17.01 4.55
N GLU A 237 14.64 -16.35 5.71
CA GLU A 237 15.90 -16.15 6.43
C GLU A 237 16.90 -17.30 6.35
N LEU A 238 16.49 -18.47 6.82
CA LEU A 238 17.41 -19.60 6.96
C LEU A 238 17.95 -20.10 5.62
N TYR A 239 17.09 -20.18 4.61
CA TYR A 239 17.52 -20.58 3.28
C TYR A 239 18.63 -19.67 2.75
N LEU A 240 18.37 -18.38 2.76
CA LEU A 240 19.32 -17.36 2.36
C LEU A 240 20.64 -17.48 3.12
N LYS A 241 20.55 -17.63 4.44
CA LYS A 241 21.76 -17.83 5.25
C LYS A 241 22.54 -19.08 4.81
N GLU A 242 21.81 -20.12 4.42
CA GLU A 242 22.44 -21.34 3.94
C GLU A 242 23.15 -21.05 2.61
N LEU A 243 22.60 -20.12 1.85
CA LEU A 243 23.25 -19.70 0.60
C LEU A 243 24.55 -18.95 0.90
N VAL A 244 24.55 -18.16 1.97
CA VAL A 244 25.76 -17.46 2.37
C VAL A 244 26.83 -18.44 2.84
N VAL A 245 26.40 -19.47 3.58
CA VAL A 245 27.29 -20.58 3.92
C VAL A 245 27.82 -21.25 2.66
N GLY A 246 26.96 -21.34 1.64
CA GLY A 246 27.31 -21.99 0.39
C GLY A 246 28.39 -21.28 -0.41
N GLY A 247 28.61 -20.00 -0.13
CA GLY A 247 29.67 -19.28 -0.80
C GLY A 247 29.17 -18.12 -1.64
N ILE A 248 27.86 -17.92 -1.65
CA ILE A 248 27.30 -16.73 -2.29
C ILE A 248 27.22 -15.62 -1.24
N ASN A 249 28.22 -14.74 -1.27
CA ASN A 249 28.42 -13.75 -0.21
C ASN A 249 27.26 -12.76 -0.07
N ARG A 250 26.59 -12.45 -1.16
CA ARG A 250 25.55 -11.42 -1.12
C ARG A 250 24.28 -11.88 -1.83
N VAL A 251 23.24 -12.14 -1.05
CA VAL A 251 21.99 -12.62 -1.62
C VAL A 251 20.79 -11.80 -1.15
N TYR A 252 19.72 -11.82 -1.93
CA TYR A 252 18.47 -11.23 -1.48
C TYR A 252 17.26 -11.83 -2.15
N GLU A 253 16.12 -11.74 -1.47
CA GLU A 253 14.86 -12.17 -2.05
C GLU A 253 13.76 -11.18 -1.74
N ILE A 254 12.99 -10.85 -2.77
CA ILE A 254 11.81 -9.99 -2.64
C ILE A 254 10.60 -10.90 -2.81
N GLY A 255 10.22 -11.56 -1.71
CA GLY A 255 9.25 -12.64 -1.80
C GLY A 255 7.93 -12.46 -1.08
N ARG A 256 7.04 -13.39 -1.37
CA ARG A 256 5.73 -13.46 -0.74
C ARG A 256 5.83 -14.29 0.54
N LEU A 257 5.38 -13.71 1.63
CA LEU A 257 5.33 -14.35 2.93
C LEU A 257 3.86 -14.56 3.29
N PHE A 258 3.60 -15.55 4.13
CA PHE A 258 2.24 -15.95 4.44
C PHE A 258 2.01 -16.09 5.95
N ARG A 259 0.88 -15.58 6.42
CA ARG A 259 0.49 -15.76 7.82
C ARG A 259 -1.00 -16.11 7.95
N ASN A 260 -1.28 -17.27 8.55
CA ASN A 260 -2.65 -17.73 8.78
C ASN A 260 -3.20 -17.13 10.07
N GLU A 261 -3.43 -15.82 10.05
CA GLU A 261 -3.83 -15.09 11.24
C GLU A 261 -5.00 -14.16 10.96
N GLY A 262 -4.88 -12.91 11.41
CA GLY A 262 -5.98 -11.96 11.29
C GLY A 262 -5.82 -10.97 10.15
N ILE A 263 -6.93 -10.35 9.75
CA ILE A 263 -6.93 -9.40 8.64
C ILE A 263 -7.31 -7.99 9.09
N ASP A 264 -6.30 -7.21 9.48
CA ASP A 264 -6.50 -5.80 9.80
C ASP A 264 -6.35 -4.96 8.52
N GLN A 265 -6.33 -3.65 8.69
CA GLN A 265 -6.05 -2.76 7.57
C GLN A 265 -4.55 -2.51 7.49
N THR A 266 -3.81 -3.21 8.34
CA THR A 266 -2.35 -3.17 8.31
C THR A 266 -1.79 -4.59 8.19
N HIS A 267 -2.70 -5.54 7.96
CA HIS A 267 -2.34 -6.95 7.83
C HIS A 267 -3.11 -7.65 6.72
N ASN A 268 -2.38 -8.34 5.84
CA ASN A 268 -2.97 -9.17 4.79
C ASN A 268 -2.40 -10.59 4.92
N PRO A 269 -3.23 -11.62 4.68
CA PRO A 269 -2.79 -13.02 4.79
C PRO A 269 -1.48 -13.30 4.05
N GLU A 270 -1.29 -12.67 2.90
CA GLU A 270 -0.03 -12.78 2.17
C GLU A 270 0.52 -11.40 1.84
N PHE A 271 1.81 -11.22 2.08
CA PHE A 271 2.43 -9.91 1.95
C PHE A 271 3.83 -10.03 1.35
N THR A 272 4.41 -8.92 0.90
CA THR A 272 5.71 -8.98 0.25
C THR A 272 6.80 -8.33 1.10
N THR A 273 7.89 -9.05 1.34
CA THR A 273 9.03 -8.44 2.00
C THR A 273 10.33 -8.69 1.24
N CYS A 274 11.31 -7.85 1.50
CA CYS A 274 12.65 -8.09 1.00
C CYS A 274 13.57 -8.43 2.16
N GLU A 275 14.40 -9.44 1.96
CA GLU A 275 15.45 -9.77 2.92
C GLU A 275 16.77 -9.88 2.18
N PHE A 276 17.83 -9.33 2.74
CA PHE A 276 19.14 -9.59 2.15
C PHE A 276 20.16 -9.94 3.21
N TYR A 277 21.17 -10.68 2.78
CA TYR A 277 22.27 -11.05 3.65
C TYR A 277 23.57 -10.82 2.91
N MET A 278 24.53 -10.26 3.65
CA MET A 278 25.75 -9.72 3.08
C MET A 278 26.94 -10.11 3.93
N ALA A 279 27.81 -10.94 3.39
CA ALA A 279 28.96 -11.42 4.14
C ALA A 279 29.92 -10.29 4.47
N TYR A 280 30.53 -10.40 5.65
CA TYR A 280 31.58 -9.48 6.11
C TYR A 280 31.06 -8.06 6.33
N ALA A 281 29.76 -7.94 6.55
CA ALA A 281 29.13 -6.67 6.90
C ALA A 281 28.55 -6.73 8.31
N ASP A 282 28.44 -5.58 8.96
CA ASP A 282 27.78 -5.51 10.26
C ASP A 282 26.60 -4.54 10.19
N TYR A 283 25.88 -4.40 11.30
CA TYR A 283 24.64 -3.63 11.31
C TYR A 283 24.89 -2.14 11.06
N ASN A 284 26.10 -1.68 11.30
CA ASN A 284 26.46 -0.30 10.97
C ASN A 284 26.46 -0.08 9.46
N ASP A 285 27.16 -0.97 8.76
CA ASP A 285 27.15 -1.01 7.31
C ASP A 285 25.72 -0.99 6.79
N ILE A 286 24.89 -1.84 7.38
CA ILE A 286 23.50 -1.94 6.98
C ILE A 286 22.74 -0.65 7.28
N MET A 287 23.14 0.06 8.34
CA MET A 287 22.53 1.34 8.68
C MET A 287 22.77 2.35 7.57
N LYS A 288 24.03 2.47 7.15
CA LYS A 288 24.35 3.36 6.04
C LYS A 288 23.65 2.94 4.75
N MET A 289 23.59 1.62 4.51
CA MET A 289 22.92 1.11 3.32
C MET A 289 21.44 1.46 3.32
N THR A 290 20.83 1.42 4.49
CA THR A 290 19.41 1.70 4.62
C THR A 290 19.16 3.17 4.36
N GLU A 291 19.98 4.02 4.97
CA GLU A 291 19.94 5.47 4.72
C GLU A 291 20.00 5.77 3.23
N GLU A 292 21.05 5.25 2.59
CA GLU A 292 21.28 5.42 1.16
C GLU A 292 20.09 4.99 0.31
N LEU A 293 19.67 3.74 0.51
CA LEU A 293 18.57 3.16 -0.24
C LEU A 293 17.28 3.97 -0.14
N LEU A 294 16.83 4.22 1.10
CA LEU A 294 15.58 4.95 1.28
C LEU A 294 15.66 6.37 0.74
N GLY A 295 16.86 6.95 0.86
CA GLY A 295 17.11 8.25 0.27
C GLY A 295 16.82 8.20 -1.22
N ASN A 296 17.45 7.24 -1.89
CA ASN A 296 17.24 7.02 -3.31
C ASN A 296 15.76 6.85 -3.66
N MET A 297 15.03 6.12 -2.82
CA MET A 297 13.62 5.91 -3.07
C MET A 297 12.82 7.21 -3.04
N VAL A 298 12.84 7.91 -1.91
CA VAL A 298 12.00 9.11 -1.78
C VAL A 298 12.48 10.19 -2.74
N LYS A 299 13.73 10.10 -3.18
CA LYS A 299 14.23 11.02 -4.19
C LYS A 299 13.67 10.63 -5.56
N ASP A 300 13.45 9.34 -5.76
CA ASP A 300 12.89 8.84 -7.01
C ASP A 300 11.40 9.15 -7.12
N ILE A 301 10.76 9.36 -5.98
CA ILE A 301 9.34 9.73 -5.98
C ILE A 301 9.18 11.25 -6.11
N THR A 302 10.20 11.99 -5.67
CA THR A 302 10.16 13.44 -5.74
C THR A 302 11.30 14.02 -6.60
N GLY A 303 12.46 14.16 -5.98
CA GLY A 303 13.64 14.76 -6.58
C GLY A 303 14.56 15.17 -5.44
N GLY A 304 13.95 15.37 -4.27
CA GLY A 304 14.67 15.67 -3.04
C GLY A 304 14.39 14.63 -1.98
N SER A 305 15.19 14.61 -0.92
CA SER A 305 15.09 13.54 0.07
C SER A 305 14.13 13.87 1.22
N THR A 306 13.43 14.99 1.09
CA THR A 306 12.34 15.33 2.01
C THR A 306 11.01 15.03 1.32
N LYS A 307 9.99 14.64 2.09
CA LYS A 307 8.72 14.26 1.49
C LYS A 307 7.51 14.77 2.24
N LEU A 308 6.64 15.49 1.53
CA LEU A 308 5.44 16.07 2.14
C LEU A 308 4.37 15.02 2.34
N GLU A 309 3.67 15.15 3.46
CA GLU A 309 2.81 14.10 4.01
C GLU A 309 1.65 14.81 4.71
N ILE A 310 0.65 14.04 5.11
CA ILE A 310 -0.48 14.50 5.89
C ILE A 310 -0.24 14.45 7.40
N LYS A 311 -0.36 15.60 8.06
CA LYS A 311 -0.35 15.64 9.53
C LYS A 311 -1.75 15.40 10.07
N ASP A 312 -1.97 14.22 10.63
CA ASP A 312 -3.31 13.80 11.03
C ASP A 312 -3.59 14.12 12.50
N ARG A 313 -2.60 14.66 13.20
CA ARG A 313 -2.79 15.07 14.59
C ARG A 313 -3.32 16.49 14.66
N LEU A 314 -4.46 16.68 15.33
CA LEU A 314 -5.08 18.00 15.45
C LEU A 314 -4.74 18.65 16.78
N MET A 315 -4.43 19.95 16.74
CA MET A 315 -4.10 20.69 17.94
C MET A 315 -5.26 21.59 18.37
N ASP A 316 -5.92 21.22 19.46
CA ASP A 316 -6.98 22.05 20.03
C ASP A 316 -6.39 23.35 20.58
N ILE A 317 -5.84 24.15 19.66
CA ILE A 317 -5.16 25.39 19.97
C ILE A 317 -4.81 26.07 18.65
N ASN A 318 -4.40 25.25 17.69
CA ASN A 318 -4.22 25.70 16.31
C ASN A 318 -5.59 26.00 15.71
N ASN A 319 -5.93 27.28 15.63
CA ASN A 319 -7.22 27.71 15.11
C ASN A 319 -7.34 27.42 13.62
N GLU A 320 -6.20 27.29 12.94
CA GLU A 320 -6.18 26.92 11.54
C GLU A 320 -6.67 25.48 11.38
N GLU A 321 -6.17 24.60 12.24
CA GLU A 321 -6.56 23.19 12.25
C GLU A 321 -8.05 23.05 12.57
N ASP A 322 -8.52 23.85 13.52
CA ASP A 322 -9.92 23.85 13.89
C ASP A 322 -10.79 24.32 12.74
N ILE A 323 -10.38 25.42 12.10
CA ILE A 323 -11.07 25.97 10.94
C ILE A 323 -11.18 24.92 9.84
N LYS A 324 -10.08 24.20 9.62
CA LYS A 324 -10.05 23.12 8.63
C LYS A 324 -11.05 22.03 8.99
N MET A 325 -11.04 21.62 10.25
CA MET A 325 -11.95 20.58 10.74
C MET A 325 -13.41 20.98 10.55
N LEU A 326 -13.71 22.25 10.77
CA LEU A 326 -15.05 22.77 10.59
C LEU A 326 -15.43 22.80 9.11
N GLU A 327 -14.48 23.19 8.27
CA GLU A 327 -14.69 23.24 6.83
C GLU A 327 -14.98 21.86 6.26
N LYS A 328 -14.31 20.85 6.83
CA LYS A 328 -14.46 19.48 6.34
C LYS A 328 -15.69 18.79 6.93
N PHE A 329 -16.31 19.43 7.93
CA PHE A 329 -17.45 18.84 8.61
C PHE A 329 -18.76 19.09 7.86
N PHE A 330 -18.64 19.51 6.61
CA PHE A 330 -19.78 19.75 5.72
C PHE A 330 -20.74 20.80 6.28
N LYS A 331 -20.22 21.70 7.10
CA LYS A 331 -21.01 22.79 7.67
C LYS A 331 -20.10 23.80 8.36
N GLU A 332 -20.37 24.02 9.65
CA GLU A 332 -19.57 24.89 10.52
C GLU A 332 -20.16 24.82 11.93
N PRO A 333 -19.31 24.60 12.93
CA PRO A 333 -19.80 24.48 14.29
C PRO A 333 -18.71 24.73 15.33
N ILE A 334 -19.14 25.07 16.54
CA ILE A 334 -18.22 25.32 17.66
C ILE A 334 -18.99 25.35 18.98
N PRO A 335 -18.24 25.46 20.07
CA PRO A 335 -18.81 25.55 21.41
C PRO A 335 -17.75 25.99 22.41
N ARG A 336 -17.73 25.34 23.57
CA ARG A 336 -16.73 25.63 24.59
C ARG A 336 -16.43 24.38 25.41
N PRO A 337 -17.40 23.97 26.23
CA PRO A 337 -17.25 22.77 27.05
C PRO A 337 -17.86 21.56 26.35
N PHE A 338 -19.18 21.62 26.14
CA PHE A 338 -19.90 20.55 25.47
C PHE A 338 -21.23 21.07 24.92
N ASN A 339 -22.31 20.38 25.28
CA ASN A 339 -23.67 20.76 24.88
C ASN A 339 -23.83 20.87 23.37
N SER A 340 -23.52 22.04 22.83
CA SER A 340 -23.61 22.27 21.38
C SER A 340 -22.61 21.38 20.65
N ALA A 341 -21.39 21.33 21.16
CA ALA A 341 -20.34 20.46 20.64
C ALA A 341 -20.81 19.02 20.64
N GLU A 342 -21.36 18.57 21.76
CA GLU A 342 -21.86 17.21 21.91
C GLU A 342 -22.90 16.88 20.84
N CYS A 343 -23.86 17.78 20.65
CA CYS A 343 -24.95 17.56 19.70
C CYS A 343 -24.47 17.52 18.26
N SER A 344 -23.73 18.53 17.83
CA SER A 344 -23.24 18.60 16.46
C SER A 344 -22.31 17.42 16.14
N LYS A 345 -21.36 17.17 17.05
CA LYS A 345 -20.41 16.08 16.88
C LYS A 345 -21.10 14.72 16.83
N VAL A 346 -22.03 14.48 17.74
CA VAL A 346 -22.76 13.20 17.74
C VAL A 346 -23.61 13.06 16.47
N ILE A 347 -24.12 14.18 15.97
CA ILE A 347 -24.90 14.17 14.74
C ILE A 347 -24.04 13.73 13.55
N GLU A 348 -22.91 14.41 13.35
CA GLU A 348 -22.03 14.09 12.25
C GLU A 348 -21.44 12.67 12.38
N LYS A 349 -21.10 12.28 13.61
CA LYS A 349 -20.50 10.97 13.88
C LYS A 349 -21.49 9.83 13.64
N HIS A 350 -22.75 10.06 14.00
CA HIS A 350 -23.79 9.08 13.71
C HIS A 350 -24.06 9.03 12.20
N CYS A 351 -23.93 10.18 11.55
CA CYS A 351 -24.16 10.27 10.10
C CYS A 351 -23.11 9.50 9.29
N THR A 352 -21.92 9.34 9.86
CA THR A 352 -20.80 8.71 9.14
C THR A 352 -20.52 7.30 9.64
N GLU A 353 -21.50 6.72 10.34
CA GLU A 353 -21.38 5.38 10.91
C GLU A 353 -20.18 5.26 11.85
N LEU A 354 -19.90 6.33 12.58
CA LEU A 354 -18.81 6.35 13.55
C LEU A 354 -19.33 6.13 14.98
N ASN A 355 -18.41 6.09 15.93
CA ASN A 355 -18.72 5.72 17.31
C ASN A 355 -17.78 6.44 18.28
N TYR A 356 -18.13 6.61 19.56
CA TYR A 356 -19.39 6.15 20.15
C TYR A 356 -19.95 7.18 21.12
N TYR A 357 -19.56 7.06 22.38
CA TYR A 357 -20.10 7.91 23.44
C TYR A 357 -19.25 9.14 23.71
N TYR A 358 -19.50 9.77 24.86
CA TYR A 358 -18.81 10.98 25.34
C TYR A 358 -19.14 12.23 24.52
N ASP A 359 -19.02 12.12 23.19
CA ASP A 359 -19.15 13.28 22.29
C ASP A 359 -18.18 14.38 22.72
N GLY A 360 -16.95 13.99 23.03
CA GLY A 360 -15.95 14.89 23.57
C GLY A 360 -14.92 15.31 22.53
N ASN A 361 -13.81 15.89 22.99
CA ASN A 361 -12.78 16.42 22.11
C ASN A 361 -11.96 15.30 21.45
N ASN A 362 -11.85 14.17 22.15
CA ASN A 362 -11.10 13.03 21.63
C ASN A 362 -11.67 12.56 20.30
N GLU A 363 -12.99 12.41 20.26
CA GLU A 363 -13.69 12.02 19.04
C GLU A 363 -13.45 13.02 17.92
N LYS A 364 -13.42 14.31 18.28
CA LYS A 364 -13.15 15.37 17.32
C LYS A 364 -11.77 15.19 16.68
N ALA A 365 -10.77 14.97 17.53
CA ALA A 365 -9.40 14.72 17.06
C ALA A 365 -9.34 13.52 16.11
N MET A 366 -9.98 12.43 16.52
CA MET A 366 -10.01 11.22 15.70
C MET A 366 -10.63 11.45 14.33
N LYS A 367 -11.77 12.14 14.31
CA LYS A 367 -12.44 12.47 13.06
C LYS A 367 -11.56 13.31 12.16
N LYS A 368 -10.94 14.33 12.76
CA LYS A 368 -10.00 15.20 12.04
C LYS A 368 -8.89 14.38 11.39
N LEU A 369 -8.38 13.40 12.12
CA LEU A 369 -7.35 12.50 11.58
C LEU A 369 -7.86 11.70 10.39
N PHE A 370 -8.95 10.96 10.59
CA PHE A 370 -9.40 10.00 9.59
C PHE A 370 -10.14 10.63 8.39
N ALA A 371 -10.41 11.94 8.42
CA ALA A 371 -11.19 12.52 7.33
C ALA A 371 -10.75 13.91 6.84
N ASP A 372 -10.45 14.81 7.76
CA ASP A 372 -10.28 16.22 7.43
C ASP A 372 -8.95 16.52 6.75
N PHE A 373 -7.95 15.70 7.07
CA PHE A 373 -6.56 16.02 6.85
C PHE A 373 -6.16 16.22 5.38
N VAL A 374 -6.87 15.54 4.48
CA VAL A 374 -6.58 15.64 3.05
C VAL A 374 -6.68 17.08 2.57
N THR A 375 -7.59 17.84 3.17
CA THR A 375 -7.83 19.21 2.77
C THR A 375 -6.85 20.20 3.41
N GLU A 376 -6.14 19.77 4.44
CA GLU A 376 -5.39 20.73 5.25
C GLU A 376 -3.97 20.35 5.64
N LYS A 377 -3.79 20.00 6.91
CA LYS A 377 -2.48 20.00 7.56
C LYS A 377 -1.48 19.04 6.93
N LYS A 378 -0.32 19.58 6.57
CA LYS A 378 0.76 18.80 6.00
C LYS A 378 1.89 18.62 7.00
N MET A 379 2.92 17.92 6.57
CA MET A 379 4.04 17.52 7.42
C MET A 379 5.17 17.13 6.48
N VAL A 380 6.41 17.05 6.96
CA VAL A 380 7.48 16.62 6.09
C VAL A 380 8.38 15.58 6.75
N LEU A 381 8.44 14.40 6.15
CA LEU A 381 9.38 13.38 6.58
C LEU A 381 10.73 13.61 5.92
N ASP A 382 11.78 13.73 6.71
CA ASP A 382 13.10 14.02 6.19
C ASP A 382 13.94 12.76 6.11
N PHE A 383 14.10 12.23 4.90
CA PHE A 383 14.91 11.03 4.68
C PHE A 383 16.35 11.36 4.33
N THR A 384 16.79 12.57 4.70
CA THR A 384 18.17 12.98 4.46
C THR A 384 19.11 12.27 5.43
N ALA A 385 20.29 11.90 4.94
CA ALA A 385 21.30 11.25 5.75
C ALA A 385 22.09 12.28 6.56
N PRO A 386 22.48 11.91 7.79
CA PRO A 386 22.17 10.62 8.42
C PRO A 386 20.84 10.63 9.16
N PHE A 387 20.27 9.45 9.39
CA PHE A 387 19.07 9.33 10.21
C PHE A 387 19.44 9.50 11.67
N LYS A 388 18.47 9.92 12.48
CA LYS A 388 18.67 9.99 13.92
C LYS A 388 18.89 8.58 14.47
N ARG A 389 19.82 8.45 15.41
CA ARG A 389 20.13 7.14 16.01
C ARG A 389 19.99 7.24 17.53
N ILE A 390 19.39 6.23 18.17
CA ILE A 390 19.37 6.16 19.63
C ILE A 390 19.61 4.75 20.14
N SER A 391 20.27 4.60 21.28
CA SER A 391 20.40 3.29 21.92
C SER A 391 19.11 2.99 22.66
N TYR A 392 18.73 1.71 22.70
CA TYR A 392 17.45 1.31 23.28
C TYR A 392 17.37 1.71 24.73
N VAL A 393 18.31 1.21 25.52
CA VAL A 393 18.26 1.48 26.94
C VAL A 393 18.69 2.89 27.34
N HIS A 394 19.46 3.64 26.54
CA HIS A 394 19.79 4.92 27.17
C HIS A 394 18.77 6.00 26.79
N ALA A 395 17.84 5.70 25.89
CA ALA A 395 16.68 6.57 25.73
C ALA A 395 15.86 6.45 27.01
N LEU A 396 15.52 5.20 27.33
CA LEU A 396 14.77 4.88 28.54
C LEU A 396 15.43 5.47 29.78
N GLU A 397 16.74 5.30 29.90
CA GLU A 397 17.46 5.81 31.07
C GLU A 397 17.54 7.33 31.10
N GLU A 398 17.79 7.95 29.94
CA GLU A 398 17.80 9.40 29.84
C GLU A 398 16.52 9.95 30.41
N LYS A 399 15.42 9.29 30.05
CA LYS A 399 14.13 9.85 30.36
C LYS A 399 13.69 9.49 31.80
N PHE A 400 14.00 8.27 32.27
CA PHE A 400 13.71 7.87 33.65
C PHE A 400 14.30 8.87 34.62
N GLY A 401 15.54 9.27 34.34
CA GLY A 401 16.28 10.16 35.20
C GLY A 401 17.67 9.62 35.45
N GLU A 402 17.78 8.30 35.53
CA GLU A 402 19.07 7.66 35.78
C GLU A 402 19.10 6.21 35.30
N LYS A 403 20.22 5.53 35.53
CA LYS A 403 20.43 4.16 35.06
C LYS A 403 19.41 3.13 35.56
N ILE A 404 19.37 2.01 34.86
CA ILE A 404 18.60 0.85 35.28
C ILE A 404 19.57 -0.08 36.02
N PRO A 405 19.11 -0.71 37.11
CA PRO A 405 19.95 -1.71 37.78
C PRO A 405 20.43 -2.78 36.79
N ARG A 406 21.72 -3.09 36.82
CA ARG A 406 22.25 -4.06 35.88
C ARG A 406 21.94 -5.47 36.38
N PRO A 407 22.59 -6.52 35.83
CA PRO A 407 21.79 -7.70 35.53
C PRO A 407 20.31 -7.37 35.29
N LEU A 408 20.02 -6.88 34.09
CA LEU A 408 18.71 -6.36 33.75
C LEU A 408 17.61 -7.42 33.79
N ASP A 409 18.00 -8.69 33.66
CA ASP A 409 17.03 -9.77 33.75
C ASP A 409 16.87 -10.25 35.20
N GLY A 410 17.53 -9.55 36.12
CA GLY A 410 17.46 -9.87 37.53
C GLY A 410 16.32 -9.18 38.25
N PRO A 411 16.04 -9.61 39.49
CA PRO A 411 14.91 -9.12 40.31
C PRO A 411 14.95 -7.61 40.61
N GLU A 412 16.11 -7.10 41.01
CA GLU A 412 16.26 -5.71 41.40
C GLU A 412 15.94 -4.75 40.25
N ALA A 413 16.38 -5.11 39.06
CA ALA A 413 16.18 -4.27 37.87
C ALA A 413 14.70 -4.23 37.49
N LEU A 414 14.05 -5.39 37.56
CA LEU A 414 12.61 -5.50 37.32
C LEU A 414 11.85 -4.60 38.29
N THR A 415 12.10 -4.83 39.59
CA THR A 415 11.45 -4.05 40.65
C THR A 415 11.68 -2.56 40.48
N PHE A 416 12.84 -2.19 39.95
CA PHE A 416 13.04 -0.83 39.50
C PHE A 416 12.00 -0.50 38.45
N LEU A 417 11.97 -1.28 37.37
CA LEU A 417 11.15 -0.98 36.20
C LEU A 417 9.65 -0.76 36.48
N LYS A 418 9.02 -1.57 37.32
CA LYS A 418 7.58 -1.31 37.45
C LYS A 418 7.27 -0.04 38.26
N LYS A 419 8.27 0.52 38.94
CA LYS A 419 8.12 1.80 39.62
C LYS A 419 7.74 2.88 38.61
N GLN A 420 8.36 2.83 37.44
CA GLN A 420 8.07 3.81 36.40
C GLN A 420 6.96 3.27 35.52
N ALA A 421 6.71 1.96 35.59
CA ALA A 421 5.51 1.43 34.95
C ALA A 421 4.27 2.04 35.60
N ILE A 422 4.31 2.26 36.91
CA ILE A 422 3.19 2.93 37.55
C ILE A 422 3.35 4.45 37.49
N ARG A 423 4.59 4.94 37.52
CA ARG A 423 4.81 6.39 37.61
C ARG A 423 4.55 7.11 36.28
N PHE A 424 4.99 6.54 35.17
CA PHE A 424 4.84 7.21 33.89
C PHE A 424 3.56 6.84 33.15
N ASN A 425 3.51 5.61 32.63
CA ASN A 425 2.49 5.23 31.67
C ASN A 425 1.10 4.97 32.27
N ALA A 426 1.09 4.46 33.51
CA ALA A 426 -0.13 3.96 34.15
C ALA A 426 -0.76 2.82 33.34
N ILE A 427 0.08 2.11 32.58
CA ILE A 427 -0.36 0.96 31.77
C ILE A 427 0.69 -0.16 31.76
N CYS A 428 0.22 -1.39 31.98
CA CYS A 428 1.04 -2.55 31.66
C CYS A 428 0.15 -3.75 31.39
N ALA A 429 0.63 -4.94 31.73
CA ALA A 429 -0.14 -6.17 31.59
C ALA A 429 0.54 -7.27 32.36
N GLU A 430 -0.13 -8.41 32.50
CA GLU A 430 0.49 -9.56 33.15
C GLU A 430 0.36 -10.83 32.32
N PRO A 431 1.34 -11.76 32.45
CA PRO A 431 2.50 -11.80 33.37
C PRO A 431 3.58 -10.73 33.14
N GLN A 432 3.85 -9.90 34.15
CA GLN A 432 4.88 -8.88 34.03
C GLN A 432 6.29 -9.48 34.05
N THR A 433 6.62 -10.23 33.00
CA THR A 433 8.00 -10.64 32.81
C THR A 433 8.81 -9.39 32.49
N THR A 434 10.10 -9.45 32.74
CA THR A 434 11.00 -8.32 32.55
C THR A 434 10.88 -7.75 31.15
N ALA A 435 10.86 -8.66 30.18
CA ALA A 435 10.72 -8.33 28.78
C ALA A 435 9.51 -7.45 28.51
N ARG A 436 8.31 -7.94 28.80
CA ARG A 436 7.09 -7.23 28.43
C ARG A 436 6.97 -5.82 29.05
N VAL A 437 7.16 -5.77 30.36
CA VAL A 437 7.08 -4.50 31.10
C VAL A 437 8.08 -3.50 30.52
N MET A 438 9.34 -3.94 30.36
CA MET A 438 10.34 -3.07 29.74
C MET A 438 9.90 -2.60 28.35
N ASP A 439 9.50 -3.58 27.56
CA ASP A 439 9.22 -3.41 26.14
C ASP A 439 8.27 -2.28 25.90
N LYS A 440 7.08 -2.35 26.50
CA LYS A 440 6.27 -1.26 26.04
C LYS A 440 5.80 -0.32 27.12
N LEU A 441 6.53 -0.40 28.23
CA LEU A 441 6.99 0.83 28.83
C LEU A 441 7.52 1.64 27.64
N PHE A 442 8.68 1.19 27.13
CA PHE A 442 9.38 1.80 25.99
C PHE A 442 8.45 2.29 24.88
N GLY A 443 7.45 1.48 24.57
CA GLY A 443 6.52 1.85 23.49
C GLY A 443 5.29 2.74 23.68
N ASP A 444 4.70 2.81 24.88
CA ASP A 444 3.80 3.96 25.07
C ASP A 444 4.60 5.12 25.66
N LEU A 445 5.93 5.01 25.53
CA LEU A 445 6.80 6.01 26.15
C LEU A 445 7.74 6.81 25.21
N ILE A 446 8.65 6.10 24.56
CA ILE A 446 9.67 6.73 23.74
C ILE A 446 9.48 6.35 22.29
N GLU A 447 8.85 5.19 22.06
CA GLU A 447 8.52 4.74 20.71
C GLU A 447 7.67 5.80 19.99
N VAL A 448 7.01 6.64 20.78
CA VAL A 448 6.41 7.86 20.27
C VAL A 448 6.82 9.00 21.21
N ASP A 449 7.33 10.12 20.68
CA ASP A 449 7.42 10.37 19.25
C ASP A 449 8.68 9.80 18.60
N LEU A 450 8.46 9.00 17.55
CA LEU A 450 9.53 8.59 16.65
C LEU A 450 9.04 8.79 15.23
N VAL A 451 8.65 10.02 14.91
CA VAL A 451 8.03 10.32 13.62
C VAL A 451 9.07 10.33 12.49
N GLN A 452 10.19 11.00 12.70
CA GLN A 452 11.24 11.04 11.69
C GLN A 452 11.96 9.70 11.67
N PRO A 453 12.49 9.32 10.49
CA PRO A 453 13.26 8.07 10.39
C PRO A 453 14.35 7.99 11.45
N THR A 454 14.30 6.94 12.27
CA THR A 454 15.19 6.80 13.40
C THR A 454 15.59 5.36 13.65
N PHE A 455 16.90 5.10 13.69
CA PHE A 455 17.41 3.79 14.07
C PHE A 455 17.40 3.65 15.59
N VAL A 456 16.63 2.69 16.10
CA VAL A 456 16.78 2.34 17.52
C VAL A 456 17.68 1.10 17.57
N CYS A 457 18.82 1.26 18.24
CA CYS A 457 19.89 0.26 18.17
C CYS A 457 20.16 -0.38 19.52
N ASP A 458 21.01 -1.40 19.51
CA ASP A 458 21.54 -2.02 20.73
C ASP A 458 20.47 -2.47 21.71
N GLN A 459 19.50 -3.24 21.22
CA GLN A 459 18.49 -3.85 22.08
C GLN A 459 19.14 -4.84 23.03
N PRO A 460 18.60 -4.96 24.25
CA PRO A 460 19.07 -5.93 25.24
C PRO A 460 18.95 -7.37 24.74
N GLN A 461 19.71 -8.28 25.34
CA GLN A 461 19.64 -9.69 24.98
C GLN A 461 18.32 -10.28 25.46
N LEU A 462 17.68 -9.56 26.38
CA LEU A 462 16.34 -9.89 26.86
C LEU A 462 15.37 -9.79 25.69
N MET A 463 15.51 -8.71 24.94
CA MET A 463 14.64 -8.42 23.79
C MET A 463 15.06 -9.21 22.55
N SER A 464 16.28 -9.73 22.57
CA SER A 464 16.88 -10.32 21.37
C SER A 464 17.29 -11.77 21.59
N PRO A 465 16.34 -12.70 21.40
CA PRO A 465 16.59 -14.12 21.63
C PRO A 465 17.64 -14.69 20.67
N LEU A 466 17.57 -14.28 19.41
CA LEU A 466 18.39 -14.90 18.37
C LEU A 466 19.39 -13.93 17.73
N ALA A 467 19.80 -12.93 18.49
CA ALA A 467 20.78 -11.96 17.99
C ALA A 467 22.17 -12.26 18.56
N LYS A 468 23.17 -11.55 18.06
CA LYS A 468 24.53 -11.70 18.53
C LYS A 468 24.88 -10.60 19.53
N TYR A 469 25.56 -10.97 20.61
CA TYR A 469 25.90 -10.03 21.67
C TYR A 469 26.67 -8.81 21.14
N HIS A 470 26.47 -7.67 21.78
CA HIS A 470 27.17 -6.45 21.41
C HIS A 470 28.66 -6.59 21.71
N ARG A 471 29.50 -6.08 20.80
CA ARG A 471 30.93 -6.33 20.85
C ARG A 471 31.65 -5.56 21.96
N SER A 472 30.97 -4.61 22.56
CA SER A 472 31.59 -3.80 23.61
C SER A 472 30.76 -3.78 24.90
N GLU A 473 29.69 -2.99 24.92
CA GLU A 473 28.88 -2.84 26.12
C GLU A 473 28.01 -4.06 26.38
N PRO A 474 27.98 -4.54 27.64
CA PRO A 474 27.38 -5.83 28.01
C PRO A 474 25.86 -5.83 28.04
N GLU A 475 25.29 -7.03 27.93
CA GLU A 475 23.84 -7.30 28.00
C GLU A 475 23.06 -6.73 26.82
N LEU A 476 23.77 -6.20 25.83
CA LEU A 476 23.12 -5.66 24.64
C LEU A 476 23.48 -6.49 23.40
N THR A 477 22.69 -6.33 22.33
CA THR A 477 22.97 -7.01 21.08
C THR A 477 23.21 -6.04 19.94
N GLU A 478 23.82 -6.54 18.87
CA GLU A 478 24.08 -5.75 17.67
C GLU A 478 22.88 -5.80 16.73
N ARG A 479 21.92 -4.92 16.97
CA ARG A 479 20.68 -4.87 16.20
C ARG A 479 20.34 -3.45 15.82
N PHE A 480 19.27 -3.29 15.04
CA PHE A 480 18.52 -2.06 15.03
C PHE A 480 17.12 -2.29 14.44
N GLU A 481 16.20 -1.41 14.83
CA GLU A 481 14.88 -1.33 14.24
C GLU A 481 14.65 0.10 13.75
N LEU A 482 14.35 0.23 12.46
CA LEU A 482 14.08 1.53 11.85
C LEU A 482 12.64 1.94 12.13
N PHE A 483 12.48 3.07 12.81
CA PHE A 483 11.15 3.58 13.12
C PHE A 483 10.84 4.82 12.29
N ILE A 484 9.69 4.79 11.64
CA ILE A 484 9.15 5.95 10.95
C ILE A 484 7.67 6.00 11.28
N LEU A 485 7.16 7.21 11.55
CA LEU A 485 5.77 7.42 11.97
C LEU A 485 5.36 6.43 13.06
N LYS A 486 6.17 6.37 14.12
CA LYS A 486 5.91 5.52 15.28
C LYS A 486 5.72 4.04 14.95
N ARG A 487 6.25 3.59 13.82
CA ARG A 487 6.15 2.18 13.44
C ARG A 487 7.47 1.61 12.95
N GLU A 488 7.63 0.29 13.08
CA GLU A 488 8.82 -0.43 12.61
C GLU A 488 8.73 -0.75 11.12
N ILE A 489 9.61 -0.13 10.34
CA ILE A 489 9.63 -0.28 8.89
C ILE A 489 10.62 -1.37 8.44
N ALA A 490 11.82 -1.32 8.98
CA ALA A 490 12.86 -2.29 8.62
C ALA A 490 13.67 -2.72 9.84
N ASN A 491 14.54 -3.71 9.67
CA ASN A 491 15.41 -4.14 10.76
C ASN A 491 16.68 -4.83 10.26
N ALA A 492 17.71 -4.87 11.10
CA ALA A 492 18.97 -5.51 10.71
C ALA A 492 19.77 -6.06 11.88
N TYR A 493 20.64 -7.03 11.58
CA TYR A 493 21.45 -7.71 12.58
C TYR A 493 22.89 -7.89 12.12
N THR A 494 23.82 -7.92 13.06
CA THR A 494 25.11 -8.56 12.85
C THR A 494 24.91 -10.04 13.19
N GLU A 495 24.48 -10.80 12.19
CA GLU A 495 23.87 -12.12 12.41
C GLU A 495 24.68 -13.07 13.29
N LEU A 496 23.94 -13.84 14.09
CA LEU A 496 24.54 -14.83 14.96
C LEU A 496 25.11 -15.96 14.11
N ASN A 497 26.39 -16.25 14.29
CA ASN A 497 27.05 -17.26 13.46
C ASN A 497 27.72 -18.33 14.31
N ASN A 498 27.49 -18.27 15.62
CA ASN A 498 27.97 -19.29 16.54
C ASN A 498 27.02 -20.49 16.54
N PRO A 499 27.45 -21.61 15.95
CA PRO A 499 26.62 -22.80 15.77
C PRO A 499 26.18 -23.44 17.08
N ILE A 500 27.05 -23.42 18.08
CA ILE A 500 26.77 -23.99 19.38
C ILE A 500 25.65 -23.21 20.08
N VAL A 501 25.92 -21.92 20.28
CA VAL A 501 24.95 -21.00 20.87
C VAL A 501 23.63 -21.02 20.11
N GLN A 502 23.70 -21.06 18.78
CA GLN A 502 22.50 -21.07 17.96
C GLN A 502 21.71 -22.36 18.13
N ARG A 503 22.41 -23.47 18.32
CA ARG A 503 21.72 -24.73 18.59
C ARG A 503 20.99 -24.62 19.92
N SER A 504 21.66 -24.07 20.93
CA SER A 504 21.03 -23.84 22.22
C SER A 504 19.74 -23.03 22.06
N ASN A 505 19.86 -21.90 21.36
CA ASN A 505 18.72 -21.03 21.11
C ASN A 505 17.56 -21.76 20.44
N PHE A 506 17.87 -22.54 19.40
CA PHE A 506 16.83 -23.23 18.64
C PHE A 506 16.13 -24.29 19.47
N GLU A 507 16.91 -25.12 20.16
CA GLU A 507 16.36 -26.20 20.96
C GLU A 507 15.58 -25.67 22.16
N GLN A 508 15.96 -24.48 22.64
CA GLN A 508 15.20 -23.83 23.69
C GLN A 508 13.88 -23.30 23.14
N GLN A 509 13.95 -22.67 21.96
CA GLN A 509 12.78 -22.12 21.29
C GLN A 509 11.72 -23.19 21.05
N ALA A 510 12.18 -24.37 20.61
CA ALA A 510 11.30 -25.50 20.36
C ALA A 510 10.49 -25.88 21.60
N LYS A 511 11.17 -25.99 22.74
CA LYS A 511 10.51 -26.34 23.99
C LYS A 511 9.59 -25.24 24.51
N ASP A 512 10.02 -23.99 24.37
CA ASP A 512 9.16 -22.86 24.72
C ASP A 512 7.86 -22.91 23.91
N LYS A 513 7.96 -23.39 22.67
CA LYS A 513 6.81 -23.49 21.80
C LYS A 513 5.86 -24.62 22.22
N ALA A 514 6.44 -25.76 22.59
CA ALA A 514 5.65 -26.91 23.03
C ALA A 514 5.16 -26.74 24.47
N LEU A 522 9.64 -30.01 15.90
CA LEU A 522 11.00 -30.32 15.46
C LEU A 522 11.79 -29.02 15.25
N VAL A 523 13.10 -29.11 15.45
CA VAL A 523 14.02 -28.00 15.25
C VAL A 523 14.71 -28.15 13.89
N ASP A 524 14.90 -27.03 13.17
CA ASP A 524 15.55 -27.07 11.87
C ASP A 524 17.00 -27.54 11.97
N GLU A 525 17.20 -28.85 11.89
CA GLU A 525 18.54 -29.43 12.03
C GLU A 525 19.40 -29.16 10.81
N VAL A 526 18.75 -29.05 9.66
CA VAL A 526 19.45 -28.77 8.40
C VAL A 526 20.26 -27.49 8.50
N PHE A 527 19.58 -26.41 8.89
CA PHE A 527 20.20 -25.11 9.05
C PHE A 527 21.36 -25.17 10.03
N LEU A 528 21.14 -25.89 11.14
CA LEU A 528 22.15 -26.02 12.17
C LEU A 528 23.39 -26.72 11.63
N ASP A 529 23.17 -27.71 10.77
CA ASP A 529 24.28 -28.39 10.09
C ASP A 529 25.05 -27.39 9.23
N ALA A 530 24.27 -26.62 8.45
CA ALA A 530 24.83 -25.62 7.55
C ALA A 530 25.76 -24.66 8.28
N ILE A 531 25.29 -24.09 9.38
CA ILE A 531 26.13 -23.13 10.09
C ILE A 531 27.22 -23.84 10.88
N GLU A 532 27.02 -25.12 11.15
CA GLU A 532 28.07 -25.92 11.79
C GLU A 532 29.24 -26.05 10.83
N HIS A 533 28.96 -25.94 9.53
CA HIS A 533 30.03 -25.92 8.52
C HIS A 533 30.65 -24.53 8.30
N ALA A 534 30.54 -23.66 9.31
CA ALA A 534 31.14 -22.31 9.34
C ALA A 534 30.35 -21.27 8.54
N PHE A 535 29.65 -20.41 9.27
CA PHE A 535 28.85 -19.32 8.69
C PHE A 535 29.61 -18.01 8.85
N PRO A 536 29.96 -17.37 7.72
CA PRO A 536 30.76 -16.14 7.75
C PRO A 536 30.09 -15.02 8.53
N PRO A 537 30.88 -14.07 9.06
CA PRO A 537 30.30 -12.84 9.62
C PRO A 537 29.40 -12.18 8.59
N THR A 538 28.14 -12.00 8.95
CA THR A 538 27.13 -11.59 7.98
C THR A 538 26.22 -10.50 8.54
N GLY A 539 25.87 -9.54 7.69
CA GLY A 539 24.85 -8.57 8.01
C GLY A 539 23.53 -9.01 7.42
N GLY A 540 22.48 -8.99 8.23
CA GLY A 540 21.15 -9.37 7.79
C GLY A 540 20.21 -8.17 7.79
N TRP A 541 19.32 -8.10 6.80
CA TRP A 541 18.42 -6.97 6.65
C TRP A 541 17.05 -7.41 6.18
N GLY A 542 16.02 -6.74 6.69
CA GLY A 542 14.64 -7.07 6.37
C GLY A 542 13.78 -5.84 6.27
N LEU A 543 12.86 -5.86 5.31
CA LEU A 543 11.96 -4.73 5.05
C LEU A 543 10.62 -5.19 4.51
N GLY A 544 9.53 -4.64 5.05
CA GLY A 544 8.20 -4.92 4.53
C GLY A 544 7.86 -3.96 3.40
N ILE A 545 7.70 -4.52 2.20
CA ILE A 545 7.45 -3.71 1.00
C ILE A 545 6.07 -3.05 1.07
N ASP A 546 5.07 -3.84 1.46
CA ASP A 546 3.70 -3.35 1.55
C ASP A 546 3.61 -2.15 2.50
N ARG A 547 4.23 -2.28 3.68
CA ARG A 547 4.11 -1.24 4.70
C ARG A 547 4.89 0.02 4.33
N LEU A 548 6.07 -0.17 3.76
CA LEU A 548 6.85 0.95 3.26
C LEU A 548 6.07 1.71 2.19
N ALA A 549 5.42 0.94 1.32
CA ALA A 549 4.56 1.51 0.29
C ALA A 549 3.42 2.31 0.92
N MET A 550 2.82 1.74 1.97
CA MET A 550 1.76 2.42 2.71
C MET A 550 2.24 3.77 3.20
N LEU A 551 3.43 3.78 3.77
CA LEU A 551 4.02 4.98 4.33
C LEU A 551 4.26 6.03 3.25
N LEU A 552 4.82 5.61 2.12
CA LEU A 552 5.25 6.55 1.09
C LEU A 552 4.11 7.05 0.20
N ALA A 553 3.09 6.24 0.02
CA ALA A 553 1.92 6.66 -0.74
C ALA A 553 0.96 7.44 0.16
N ASP A 554 1.28 7.46 1.46
CA ASP A 554 0.46 8.14 2.45
C ASP A 554 -0.96 7.60 2.49
N VAL A 555 -1.11 6.32 2.77
CA VAL A 555 -2.46 5.77 2.84
C VAL A 555 -2.68 5.07 4.17
N ASP A 556 -3.94 4.99 4.56
CA ASP A 556 -4.31 4.48 5.87
C ASP A 556 -4.50 2.97 5.84
N ASN A 557 -4.78 2.44 4.66
CA ASN A 557 -5.15 1.04 4.51
C ASN A 557 -4.17 0.27 3.62
N ILE A 558 -3.89 -0.98 3.99
CA ILE A 558 -2.95 -1.81 3.24
C ILE A 558 -3.58 -2.28 1.94
N LYS A 559 -4.91 -2.16 1.84
CA LYS A 559 -5.61 -2.56 0.63
C LYS A 559 -5.36 -1.58 -0.51
N GLU A 560 -4.80 -0.42 -0.18
CA GLU A 560 -4.47 0.59 -1.18
C GLU A 560 -3.20 0.22 -1.94
N VAL A 561 -2.38 -0.64 -1.36
CA VAL A 561 -1.11 -1.06 -1.98
C VAL A 561 -1.09 -2.55 -2.32
N ILE A 562 -2.26 -3.19 -2.22
CA ILE A 562 -2.40 -4.58 -2.63
C ILE A 562 -3.57 -4.70 -3.59
N LEU A 563 -3.27 -5.03 -4.84
CA LEU A 563 -4.28 -5.04 -5.90
C LEU A 563 -5.50 -5.88 -5.56
N PHE A 564 -5.28 -7.09 -5.08
CA PHE A 564 -6.37 -7.98 -4.73
C PHE A 564 -6.24 -8.53 -3.32
N PRO A 565 -6.61 -7.73 -2.31
CA PRO A 565 -6.49 -8.16 -0.92
C PRO A 565 -7.47 -9.28 -0.62
N THR A 566 -7.18 -10.09 0.39
CA THR A 566 -8.00 -11.27 0.67
C THR A 566 -9.37 -10.88 1.20
N MET A 567 -10.41 -11.29 0.49
CA MET A 567 -11.77 -10.94 0.87
C MET A 567 -12.56 -12.16 1.34
N ARG A 568 -13.29 -11.99 2.43
CA ARG A 568 -14.34 -12.92 2.82
C ARG A 568 -15.36 -12.95 1.68
N PRO A 569 -15.47 -14.10 0.97
CA PRO A 569 -16.37 -14.25 -0.17
C PRO A 569 -17.80 -13.80 0.16
N GLU A 570 -18.58 -13.38 -0.83
CA GLU A 570 -19.90 -12.83 -0.54
C GLU A 570 -20.94 -13.91 -0.19
N ASP A 571 -21.52 -13.81 1.01
CA ASP A 571 -22.75 -14.54 1.28
C ASP A 571 -23.84 -13.62 0.73
N GLU A 572 -25.01 -14.16 0.41
CA GLU A 572 -25.92 -13.44 -0.47
C GLU A 572 -26.70 -12.30 0.18
N LEU A 573 -26.51 -12.05 1.48
CA LEU A 573 -27.05 -10.82 2.04
C LEU A 573 -26.25 -9.64 1.51
N GLU A 574 -24.93 -9.78 1.51
CA GLU A 574 -24.04 -8.82 0.87
C GLU A 574 -24.36 -8.65 -0.61
N LYS A 575 -24.48 -9.77 -1.31
CA LYS A 575 -24.78 -9.78 -2.74
C LYS A 575 -26.08 -9.03 -3.06
N LYS A 576 -27.18 -9.48 -2.46
CA LYS A 576 -28.48 -8.84 -2.68
C LYS A 576 -28.46 -7.37 -2.28
N ALA A 577 -27.75 -7.04 -1.20
CA ALA A 577 -27.66 -5.64 -0.76
C ALA A 577 -27.01 -4.77 -1.83
N ARG A 578 -25.82 -5.18 -2.27
CA ARG A 578 -25.07 -4.45 -3.28
C ARG A 578 -25.89 -4.31 -4.56
N GLU A 579 -26.39 -5.42 -5.08
CA GLU A 579 -27.18 -5.39 -6.32
C GLU A 579 -28.37 -4.44 -6.21
N ALA A 580 -29.03 -4.52 -5.05
CA ALA A 580 -30.13 -3.62 -4.72
C ALA A 580 -29.70 -2.17 -4.88
N LYS A 581 -28.59 -1.79 -4.25
CA LYS A 581 -28.17 -0.39 -4.31
C LYS A 581 -27.68 0.02 -5.71
N GLU A 582 -27.23 -0.93 -6.52
CA GLU A 582 -26.88 -0.61 -7.91
C GLU A 582 -28.12 -0.33 -8.78
N ASP A 583 -29.25 -0.97 -8.48
CA ASP A 583 -30.44 -0.53 -9.20
C ASP A 583 -31.06 0.68 -8.56
N ALA A 584 -30.72 0.90 -7.30
CA ALA A 584 -31.01 2.17 -6.70
C ALA A 584 -30.24 3.21 -7.52
N MET A 585 -29.10 2.80 -8.07
CA MET A 585 -28.40 3.67 -9.02
C MET A 585 -29.26 3.86 -10.26
N VAL A 586 -29.63 2.82 -11.00
CA VAL A 586 -30.35 3.11 -12.27
C VAL A 586 -31.69 3.91 -12.09
N ALA A 587 -32.48 3.52 -11.11
CA ALA A 587 -33.63 4.33 -10.70
C ALA A 587 -33.18 5.76 -10.36
N GLN A 588 -31.98 5.91 -9.77
CA GLN A 588 -31.39 7.25 -9.60
C GLN A 588 -31.29 8.00 -10.93
N GLU A 589 -30.77 7.36 -11.97
CA GLU A 589 -30.66 8.13 -13.20
C GLU A 589 -32.01 8.59 -13.72
N LYS A 590 -32.98 7.69 -13.72
CA LYS A 590 -34.27 8.07 -14.37
C LYS A 590 -35.08 9.16 -13.66
N ALA A 591 -35.57 8.88 -12.45
CA ALA A 591 -36.38 9.85 -11.71
C ALA A 591 -35.55 11.04 -11.23
#